data_1VWL
#
_entry.id   1VWL
#
_cell.length_a   94.810
_cell.length_b   105.420
_cell.length_c   47.910
_cell.angle_alpha   90.00
_cell.angle_beta   90.00
_cell.angle_gamma   90.00
#
_symmetry.space_group_name_H-M   'I 2 2 2'
#
loop_
_entity.id
_entity.type
_entity.pdbx_description
1 polymer STREPTAVIDIN
2 polymer 'PEPTIDE LIGAND CONTAINING HPQ'
3 non-polymer 'PENTANOIC ACID'
4 water water
#
loop_
_entity_poly.entity_id
_entity_poly.type
_entity_poly.pdbx_seq_one_letter_code
_entity_poly.pdbx_strand_id
1 'polypeptide(L)'
;AEAGITGTWYNQLGSTFIVTAGADGALTGTYESAVGNAESRYVLTGRYDSAPATDGSGTALGWTVAWKNNYRNAHSATTW
SGQYVGGAEARINTQWLLTSGTTEANAWKSTLVGHDTFTKVKP
;
B,D
2 'polypeptide(L)' HPQGPPCK(NH2) M,P
#
loop_
_chem_comp.id
_chem_comp.type
_chem_comp.name
_chem_comp.formula
LEA non-polymer 'PENTANOIC ACID' 'C5 H10 O2'
NH2 non-polymer 'AMINO GROUP' 'H2 N'
#
# COMPACT_ATOMS: atom_id res chain seq x y z
N ALA A 1 3.38 14.56 10.71
CA ALA A 1 4.81 14.76 11.11
C ALA A 1 5.35 13.35 11.38
N GLU A 2 6.63 13.11 11.20
CA GLU A 2 7.17 11.72 11.46
C GLU A 2 7.02 11.23 12.90
N ALA A 3 7.36 12.07 13.85
CA ALA A 3 7.25 11.68 15.31
C ALA A 3 5.85 11.14 15.61
N GLY A 4 4.92 11.98 15.30
CA GLY A 4 3.47 11.69 15.49
C GLY A 4 3.04 10.32 14.98
N ILE A 5 3.58 9.91 13.87
CA ILE A 5 3.21 8.58 13.31
C ILE A 5 4.04 7.48 13.96
N THR A 6 5.28 7.74 14.24
CA THR A 6 6.12 6.71 14.86
C THR A 6 5.49 6.23 16.18
N GLY A 7 5.61 4.95 16.43
CA GLY A 7 5.05 4.36 17.66
C GLY A 7 4.25 3.04 17.38
N THR A 8 3.47 2.67 18.36
CA THR A 8 2.63 1.46 18.34
C THR A 8 1.22 1.92 18.28
N TRP A 9 0.46 1.26 17.46
CA TRP A 9 -0.97 1.57 17.26
C TRP A 9 -1.78 0.23 17.29
N TYR A 10 -3.06 0.31 17.57
CA TYR A 10 -3.92 -0.95 17.58
C TYR A 10 -5.16 -0.54 16.89
N ASN A 11 -5.87 -1.49 16.36
CA ASN A 11 -7.13 -1.12 15.67
C ASN A 11 -8.25 -1.83 16.40
N GLN A 12 -9.45 -1.64 15.94
CA GLN A 12 -10.61 -2.28 16.59
C GLN A 12 -10.69 -3.83 16.60
N LEU A 13 -9.86 -4.50 15.86
CA LEU A 13 -9.90 -6.00 15.87
C LEU A 13 -8.86 -6.50 16.89
N GLY A 14 -7.97 -5.66 17.34
CA GLY A 14 -6.93 -6.08 18.33
C GLY A 14 -5.59 -6.33 17.60
N SER A 15 -5.45 -5.90 16.34
CA SER A 15 -4.14 -6.14 15.63
C SER A 15 -3.19 -4.98 16.06
N THR A 16 -1.92 -5.27 16.00
CA THR A 16 -0.82 -4.35 16.38
C THR A 16 -0.07 -3.86 15.14
N PHE A 17 0.23 -2.60 15.09
CA PHE A 17 0.95 -1.94 13.97
C PHE A 17 2.10 -1.14 14.73
N ILE A 18 3.33 -1.43 14.40
CA ILE A 18 4.52 -0.75 15.01
C ILE A 18 5.19 -0.14 13.79
N VAL A 19 5.26 1.15 13.77
CA VAL A 19 5.87 1.90 12.63
C VAL A 19 6.88 2.97 12.97
N THR A 20 7.73 3.24 12.04
CA THR A 20 8.75 4.28 12.24
C THR A 20 8.59 5.10 10.95
N ALA A 21 8.46 6.38 11.07
CA ALA A 21 8.33 7.24 9.87
C ALA A 21 9.73 7.87 9.72
N GLY A 22 10.32 7.80 8.57
CA GLY A 22 11.69 8.40 8.37
C GLY A 22 11.50 9.77 7.75
N ALA A 23 12.49 10.60 7.83
CA ALA A 23 12.45 12.00 7.27
C ALA A 23 12.19 12.06 5.74
N ASP A 24 12.54 11.01 5.06
CA ASP A 24 12.32 10.96 3.57
C ASP A 24 10.84 10.52 3.18
N GLY A 25 9.90 10.36 4.10
CA GLY A 25 8.52 9.95 3.69
C GLY A 25 8.35 8.44 3.79
N ALA A 26 9.35 7.77 4.25
CA ALA A 26 9.25 6.29 4.36
C ALA A 26 8.62 5.79 5.67
N LEU A 27 8.02 4.65 5.55
CA LEU A 27 7.33 3.97 6.66
C LEU A 27 7.86 2.54 6.67
N THR A 28 8.31 2.05 7.78
CA THR A 28 8.82 0.66 7.89
C THR A 28 8.26 0.24 9.26
N GLY A 29 8.10 -1.04 9.43
CA GLY A 29 7.56 -1.56 10.72
C GLY A 29 7.11 -3.00 10.57
N THR A 30 6.31 -3.40 11.51
CA THR A 30 5.73 -4.76 11.60
C THR A 30 4.24 -4.66 11.90
N TYR A 31 3.52 -5.62 11.42
CA TYR A 31 2.06 -5.67 11.63
C TYR A 31 1.86 -7.01 12.39
N GLU A 32 0.96 -7.09 13.31
CA GLU A 32 0.76 -8.38 14.05
C GLU A 32 -0.73 -8.65 14.05
N SER A 33 -1.04 -9.91 14.01
CA SER A 33 -2.47 -10.32 14.02
C SER A 33 -3.03 -10.08 15.47
N ALA A 34 -4.32 -10.15 15.51
CA ALA A 34 -5.10 -9.95 16.75
C ALA A 34 -4.76 -11.04 17.76
N VAL A 35 -4.05 -10.65 18.79
CA VAL A 35 -3.64 -11.61 19.86
C VAL A 35 -2.93 -12.73 19.02
N GLY A 36 -2.79 -13.93 19.52
CA GLY A 36 -2.12 -14.97 18.67
C GLY A 36 -0.60 -15.18 18.76
N ASN A 37 -0.06 -15.13 19.94
CA ASN A 37 1.42 -15.34 20.12
C ASN A 37 2.36 -14.37 19.40
N ALA A 38 3.61 -14.77 19.36
CA ALA A 38 4.72 -13.97 18.72
C ALA A 38 4.93 -14.15 17.22
N GLU A 39 4.89 -15.36 16.73
CA GLU A 39 5.11 -15.55 15.25
C GLU A 39 3.94 -15.15 14.32
N SER A 40 3.35 -14.05 14.64
CA SER A 40 2.22 -13.54 13.83
C SER A 40 2.65 -12.15 13.38
N ARG A 41 3.94 -11.97 13.25
CA ARG A 41 4.51 -10.65 12.81
C ARG A 41 4.87 -10.70 11.32
N TYR A 42 4.46 -9.67 10.65
CA TYR A 42 4.72 -9.54 9.17
C TYR A 42 5.39 -8.17 8.86
N VAL A 43 6.24 -8.10 7.87
CA VAL A 43 6.90 -6.82 7.55
C VAL A 43 5.97 -5.88 6.81
N LEU A 44 6.11 -4.59 7.06
CA LEU A 44 5.24 -3.60 6.33
C LEU A 44 6.19 -2.47 5.86
N THR A 45 5.78 -1.88 4.78
CA THR A 45 6.55 -0.76 4.16
C THR A 45 5.47 0.15 3.60
N GLY A 46 5.70 1.43 3.65
CA GLY A 46 4.71 2.39 3.12
C GLY A 46 5.36 3.72 2.91
N ARG A 47 4.52 4.67 2.71
CA ARG A 47 4.98 6.08 2.47
C ARG A 47 3.93 7.06 3.03
N TYR A 48 4.36 8.24 3.40
N TYR A 48 4.38 8.24 3.41
CA TYR A 48 3.38 9.22 3.95
CA TYR A 48 3.42 9.25 3.95
C TYR A 48 3.76 10.53 3.23
C TYR A 48 3.91 10.59 3.38
N ASP A 49 2.83 11.43 3.15
N ASP A 49 3.07 11.58 3.51
CA ASP A 49 3.08 12.73 2.46
CA ASP A 49 3.39 12.96 3.03
C ASP A 49 3.47 13.75 3.54
C ASP A 49 4.24 13.54 4.20
N SER A 50 4.73 14.09 3.65
N SER A 50 5.52 13.76 3.97
CA SER A 50 5.12 15.09 4.70
CA SER A 50 6.37 14.31 5.07
C SER A 50 4.41 16.36 4.17
C SER A 50 6.23 15.83 5.18
N ALA A 51 3.39 16.78 4.88
N ALA A 51 5.43 16.40 4.33
CA ALA A 51 2.63 17.99 4.48
CA ALA A 51 5.22 17.88 4.36
C ALA A 51 2.94 19.21 5.35
C ALA A 51 3.72 18.13 4.19
N PRO A 52 3.38 20.28 4.75
N PRO A 52 2.91 17.72 5.15
CA PRO A 52 2.93 21.64 5.17
CA PRO A 52 1.43 17.91 5.09
C PRO A 52 1.39 21.69 5.17
C PRO A 52 1.05 19.40 5.05
N ALA A 53 0.80 21.05 6.13
N ALA A 53 -0.22 19.66 5.01
CA ALA A 53 -0.69 21.01 6.25
CA ALA A 53 -0.65 21.09 4.95
C ALA A 53 -1.16 21.86 7.43
C ALA A 53 -0.63 21.66 6.39
N THR A 54 -0.97 23.15 7.37
N THR A 54 -0.49 22.97 6.50
CA THR A 54 -1.42 23.99 8.51
CA THR A 54 -0.44 23.65 7.83
C THR A 54 -2.93 24.21 8.35
C THR A 54 -1.82 24.09 8.31
N ASP A 55 -3.65 23.16 8.09
N ASP A 55 -2.67 23.13 8.42
CA ASP A 55 -5.12 23.28 7.92
CA ASP A 55 -4.06 23.38 8.87
C ASP A 55 -5.84 22.39 8.89
C ASP A 55 -4.47 22.13 9.60
N GLY A 56 -5.11 21.67 9.69
N GLY A 56 -5.69 22.05 10.05
CA GLY A 56 -5.84 20.78 10.64
CA GLY A 56 -6.09 20.80 10.78
C GLY A 56 -6.35 19.68 9.67
C GLY A 56 -6.47 19.75 9.73
N SER A 57 -5.55 19.45 8.67
N SER A 57 -5.58 19.49 8.82
CA SER A 57 -5.88 18.43 7.65
CA SER A 57 -5.85 18.50 7.75
C SER A 57 -5.04 17.25 8.09
C SER A 57 -5.05 17.25 8.13
N GLY A 58 -5.48 16.09 7.73
CA GLY A 58 -4.73 14.88 8.10
C GLY A 58 -3.55 14.76 7.13
N THR A 59 -2.67 13.86 7.47
CA THR A 59 -1.44 13.55 6.69
C THR A 59 -1.78 12.23 5.95
N ALA A 60 -1.71 12.27 4.65
CA ALA A 60 -2.03 11.06 3.87
C ALA A 60 -0.86 10.12 3.95
N LEU A 61 -1.18 8.84 3.96
CA LEU A 61 -0.16 7.75 4.03
C LEU A 61 -0.78 6.44 3.58
N GLY A 62 0.07 5.45 3.46
CA GLY A 62 -0.43 4.13 3.06
C GLY A 62 0.66 3.16 3.25
N TRP A 63 0.33 1.89 3.37
CA TRP A 63 1.36 0.85 3.55
C TRP A 63 0.74 -0.46 3.07
N THR A 64 1.62 -1.39 2.92
CA THR A 64 1.32 -2.75 2.47
C THR A 64 1.98 -3.82 3.34
N VAL A 65 1.31 -4.93 3.45
CA VAL A 65 1.75 -6.14 4.21
C VAL A 65 1.37 -7.31 3.24
N ALA A 66 2.34 -8.18 2.98
CA ALA A 66 2.19 -9.39 2.10
C ALA A 66 2.20 -10.35 3.29
N TRP A 67 1.15 -11.12 3.37
CA TRP A 67 0.99 -12.08 4.47
C TRP A 67 1.77 -13.38 4.39
N LYS A 68 3.06 -13.18 4.33
CA LYS A 68 4.02 -14.28 4.28
C LYS A 68 5.17 -13.93 5.23
N ASN A 69 5.56 -14.87 6.02
CA ASN A 69 6.68 -14.68 6.97
C ASN A 69 7.30 -16.08 7.08
N ASN A 70 8.14 -16.35 8.02
CA ASN A 70 8.77 -17.72 8.16
C ASN A 70 7.86 -18.83 8.68
N TYR A 71 6.69 -18.48 9.14
CA TYR A 71 5.76 -19.49 9.67
C TYR A 71 4.58 -19.73 8.80
N ARG A 72 4.08 -18.69 8.20
CA ARG A 72 2.88 -18.84 7.33
C ARG A 72 2.95 -18.03 6.05
N ASN A 73 2.13 -18.46 5.12
CA ASN A 73 2.03 -17.80 3.81
C ASN A 73 0.54 -17.89 3.44
N ALA A 74 -0.14 -16.78 3.49
CA ALA A 74 -1.57 -16.81 3.14
C ALA A 74 -1.78 -16.41 1.66
N HIS A 75 -0.75 -16.22 0.89
CA HIS A 75 -0.86 -15.83 -0.58
C HIS A 75 -1.84 -14.67 -0.76
N SER A 76 -1.51 -13.59 -0.09
CA SER A 76 -2.37 -12.38 -0.15
C SER A 76 -1.60 -11.17 0.33
N ALA A 77 -2.10 -10.02 0.01
CA ALA A 77 -1.43 -8.80 0.44
C ALA A 77 -2.56 -7.80 0.67
N THR A 78 -2.31 -6.94 1.63
CA THR A 78 -3.30 -5.89 1.99
C THR A 78 -2.59 -4.58 1.94
N THR A 79 -3.32 -3.60 1.50
CA THR A 79 -2.75 -2.23 1.45
C THR A 79 -3.77 -1.36 2.22
N TRP A 80 -3.32 -0.44 3.02
CA TRP A 80 -4.19 0.46 3.79
C TRP A 80 -3.89 1.83 3.25
N SER A 81 -4.89 2.58 2.96
CA SER A 81 -4.71 3.95 2.45
C SER A 81 -5.54 4.82 3.45
N GLY A 82 -4.97 5.86 4.02
CA GLY A 82 -5.76 6.67 4.97
C GLY A 82 -5.07 7.96 5.34
N GLN A 83 -5.49 8.49 6.45
CA GLN A 83 -4.92 9.77 6.97
C GLN A 83 -4.61 9.64 8.49
N TYR A 84 -3.56 10.30 8.86
CA TYR A 84 -3.08 10.33 10.27
C TYR A 84 -3.62 11.70 10.70
N VAL A 85 -4.25 11.70 11.83
CA VAL A 85 -4.86 12.90 12.45
C VAL A 85 -4.21 12.92 13.86
N GLY A 86 -3.39 13.92 14.11
CA GLY A 86 -2.68 14.03 15.43
C GLY A 86 -3.53 14.82 16.42
N GLY A 87 -3.03 14.92 17.61
CA GLY A 87 -3.74 15.66 18.69
C GLY A 87 -3.45 14.84 19.95
N ALA A 88 -4.22 15.07 20.98
CA ALA A 88 -3.98 14.28 22.23
C ALA A 88 -4.42 12.84 21.95
N GLU A 89 -5.42 12.69 21.13
CA GLU A 89 -5.92 11.33 20.78
C GLU A 89 -5.60 11.21 19.27
N ALA A 90 -4.42 10.76 18.97
CA ALA A 90 -4.08 10.65 17.54
C ALA A 90 -4.70 9.36 16.97
N ARG A 91 -5.13 9.45 15.74
CA ARG A 91 -5.74 8.27 15.08
C ARG A 91 -5.30 8.20 13.60
N ILE A 92 -5.33 7.02 13.05
CA ILE A 92 -4.98 6.84 11.63
C ILE A 92 -6.31 6.19 11.16
N ASN A 93 -6.97 6.85 10.25
CA ASN A 93 -8.27 6.34 9.69
C ASN A 93 -7.97 5.77 8.31
N THR A 94 -8.30 4.52 8.11
CA THR A 94 -8.02 3.91 6.78
C THR A 94 -9.16 3.12 6.15
N GLN A 95 -8.90 2.79 4.90
CA GLN A 95 -9.79 1.98 4.02
C GLN A 95 -8.72 0.99 3.55
N TRP A 96 -9.01 -0.27 3.37
CA TRP A 96 -7.98 -1.22 2.92
C TRP A 96 -8.53 -2.14 1.88
N LEU A 97 -7.63 -2.73 1.13
CA LEU A 97 -7.94 -3.71 0.02
C LEU A 97 -7.09 -4.95 0.32
N LEU A 98 -7.68 -6.12 0.40
CA LEU A 98 -6.93 -7.36 0.68
C LEU A 98 -7.14 -8.19 -0.61
N THR A 99 -6.06 -8.45 -1.29
CA THR A 99 -6.11 -9.24 -2.55
C THR A 99 -5.39 -10.59 -2.33
N SER A 100 -6.05 -11.64 -2.71
CA SER A 100 -5.48 -13.01 -2.58
C SER A 100 -5.06 -13.47 -3.98
N GLY A 101 -4.07 -14.32 -4.06
CA GLY A 101 -3.63 -14.80 -5.41
C GLY A 101 -4.73 -15.82 -5.82
N THR A 102 -5.27 -15.68 -7.00
CA THR A 102 -6.32 -16.63 -7.48
C THR A 102 -5.97 -17.09 -8.89
N THR A 103 -6.81 -17.93 -9.41
CA THR A 103 -6.63 -18.45 -10.76
C THR A 103 -7.47 -17.43 -11.55
N GLU A 104 -7.28 -17.45 -12.82
CA GLU A 104 -7.99 -16.56 -13.77
C GLU A 104 -9.50 -16.60 -13.51
N ALA A 105 -9.97 -17.79 -13.29
CA ALA A 105 -11.43 -17.95 -13.03
C ALA A 105 -11.99 -17.37 -11.71
N ASN A 106 -11.20 -17.19 -10.68
CA ASN A 106 -11.78 -16.63 -9.41
C ASN A 106 -11.26 -15.23 -9.24
N ALA A 107 -10.61 -14.74 -10.24
CA ALA A 107 -10.05 -13.38 -10.14
C ALA A 107 -11.13 -12.39 -9.81
N TRP A 108 -12.34 -12.65 -10.26
CA TRP A 108 -13.46 -11.70 -9.98
C TRP A 108 -13.71 -11.47 -8.47
N LYS A 109 -13.42 -12.45 -7.63
CA LYS A 109 -13.64 -12.28 -6.17
C LYS A 109 -12.32 -12.38 -5.44
N SER A 110 -11.32 -11.80 -5.99
CA SER A 110 -9.97 -11.84 -5.37
C SER A 110 -9.73 -10.72 -4.35
N THR A 111 -10.53 -9.70 -4.39
CA THR A 111 -10.36 -8.54 -3.47
C THR A 111 -11.48 -8.13 -2.49
N LEU A 112 -11.09 -8.03 -1.24
CA LEU A 112 -11.99 -7.63 -0.12
C LEU A 112 -11.69 -6.17 0.24
N VAL A 113 -12.69 -5.43 0.65
CA VAL A 113 -12.47 -4.01 1.04
C VAL A 113 -13.06 -3.88 2.45
N GLY A 114 -12.45 -3.05 3.23
CA GLY A 114 -12.90 -2.81 4.63
C GLY A 114 -12.28 -1.50 5.13
N HIS A 115 -12.49 -1.21 6.39
CA HIS A 115 -11.92 0.04 6.96
C HIS A 115 -11.49 -0.25 8.40
N ASP A 116 -10.41 0.37 8.78
CA ASP A 116 -9.86 0.20 10.15
C ASP A 116 -9.47 1.54 10.70
N THR A 117 -9.56 1.64 11.98
CA THR A 117 -9.17 2.91 12.64
C THR A 117 -8.12 2.39 13.66
N PHE A 118 -7.03 3.10 13.72
CA PHE A 118 -5.91 2.76 14.62
C PHE A 118 -5.79 3.87 15.72
N THR A 119 -5.50 3.44 16.93
CA THR A 119 -5.36 4.37 18.09
C THR A 119 -3.90 4.19 18.52
N LYS A 120 -3.27 5.28 18.84
CA LYS A 120 -1.84 5.21 19.26
C LYS A 120 -1.71 4.86 20.77
N VAL A 121 -0.81 3.96 21.08
CA VAL A 121 -0.58 3.53 22.49
C VAL A 121 0.81 3.77 22.99
N LYS A 122 1.79 3.70 22.13
CA LYS A 122 3.24 3.93 22.55
C LYS A 122 3.97 4.72 21.48
N PRO A 123 4.99 5.45 21.85
CA PRO A 123 5.78 6.29 20.90
C PRO A 123 6.95 5.55 20.26
N ALA B 1 6.62 -14.98 -13.81
CA ALA B 1 7.46 -15.87 -12.96
C ALA B 1 7.96 -14.99 -11.80
N GLU B 2 8.44 -15.61 -10.76
CA GLU B 2 8.97 -14.88 -9.55
C GLU B 2 9.52 -13.48 -9.81
N ALA B 3 10.72 -13.38 -10.30
CA ALA B 3 11.29 -12.02 -10.56
C ALA B 3 10.94 -11.60 -11.97
N GLY B 4 9.68 -11.78 -12.26
CA GLY B 4 9.14 -11.41 -13.60
C GLY B 4 8.42 -10.06 -13.39
N ILE B 5 8.35 -9.70 -12.13
CA ILE B 5 7.71 -8.44 -11.71
C ILE B 5 8.72 -7.35 -12.08
N THR B 6 9.98 -7.60 -11.79
CA THR B 6 11.03 -6.60 -12.11
C THR B 6 10.90 -6.15 -13.58
N GLY B 7 10.94 -4.86 -13.76
CA GLY B 7 10.84 -4.31 -15.11
C GLY B 7 10.08 -3.00 -15.11
N THR B 8 9.73 -2.60 -16.30
CA THR B 8 9.00 -1.36 -16.58
C THR B 8 7.61 -1.79 -17.07
N TRP B 9 6.63 -1.23 -16.44
CA TRP B 9 5.22 -1.52 -16.73
C TRP B 9 4.53 -0.19 -17.03
N TYR B 10 3.49 -0.26 -17.81
CA TYR B 10 2.72 0.93 -18.18
C TYR B 10 1.27 0.62 -17.94
N ASN B 11 0.52 1.63 -17.66
CA ASN B 11 -0.92 1.36 -17.41
C ASN B 11 -1.69 2.03 -18.55
N GLN B 12 -2.96 1.83 -18.49
CA GLN B 12 -3.82 2.44 -19.53
C GLN B 12 -3.81 3.98 -19.56
N LEU B 13 -3.33 4.64 -18.54
CA LEU B 13 -3.32 6.16 -18.52
C LEU B 13 -2.00 6.72 -19.08
N GLY B 14 -1.01 5.86 -19.15
CA GLY B 14 0.32 6.31 -19.68
C GLY B 14 1.34 6.48 -18.55
N SER B 15 1.00 6.09 -17.36
CA SER B 15 2.00 6.25 -16.26
C SER B 15 2.96 5.07 -16.39
N THR B 16 4.15 5.28 -15.93
CA THR B 16 5.19 4.22 -15.99
C THR B 16 5.52 3.85 -14.56
N PHE B 17 5.71 2.59 -14.37
CA PHE B 17 6.05 1.99 -13.06
C PHE B 17 7.30 1.11 -13.32
N ILE B 18 8.36 1.42 -12.64
CA ILE B 18 9.66 0.69 -12.74
C ILE B 18 9.92 0.07 -11.37
N VAL B 19 9.95 -1.23 -11.26
CA VAL B 19 10.20 -1.90 -9.95
C VAL B 19 11.26 -3.00 -9.97
N THR B 20 11.73 -3.23 -8.79
CA THR B 20 12.74 -4.27 -8.51
C THR B 20 12.05 -5.11 -7.42
N ALA B 21 12.02 -6.39 -7.64
CA ALA B 21 11.39 -7.30 -6.65
C ALA B 21 12.55 -8.01 -5.96
N GLY B 22 12.67 -7.90 -4.68
CA GLY B 22 13.80 -8.58 -3.94
C GLY B 22 13.35 -10.01 -3.68
N ALA B 23 14.26 -10.93 -3.52
CA ALA B 23 13.85 -12.33 -3.27
C ALA B 23 12.97 -12.57 -2.09
N ASP B 24 13.07 -11.70 -1.11
CA ASP B 24 12.24 -11.85 0.15
C ASP B 24 10.93 -11.08 0.23
N GLY B 25 10.44 -10.59 -0.87
CA GLY B 25 9.13 -9.88 -0.77
C GLY B 25 9.08 -8.43 -0.91
N ALA B 26 10.21 -7.78 -1.05
CA ALA B 26 10.15 -6.30 -1.15
C ALA B 26 9.99 -5.88 -2.60
N LEU B 27 9.38 -4.75 -2.72
CA LEU B 27 9.10 -4.08 -4.02
C LEU B 27 9.63 -2.64 -3.82
N THR B 28 10.48 -2.16 -4.69
CA THR B 28 11.02 -0.77 -4.58
C THR B 28 11.03 -0.24 -6.04
N GLY B 29 10.96 1.05 -6.21
CA GLY B 29 10.96 1.58 -7.58
C GLY B 29 10.52 3.03 -7.64
N THR B 30 10.23 3.43 -8.84
CA THR B 30 9.77 4.83 -9.18
C THR B 30 8.44 4.74 -9.93
N TYR B 31 7.57 5.70 -9.71
CA TYR B 31 6.26 5.72 -10.40
C TYR B 31 6.32 7.09 -11.05
N GLU B 32 6.11 7.17 -12.33
CA GLU B 32 6.15 8.50 -12.97
C GLU B 32 4.85 8.68 -13.69
N SER B 33 4.50 9.89 -13.55
CA SER B 33 3.27 10.45 -14.08
C SER B 33 3.40 10.94 -15.53
N ALA B 34 2.29 11.49 -15.92
CA ALA B 34 2.00 12.11 -17.24
C ALA B 34 3.20 12.78 -17.93
N VAL B 35 3.18 12.71 -19.23
CA VAL B 35 4.25 13.31 -20.09
C VAL B 35 5.60 12.59 -19.99
N GLY B 36 5.90 12.04 -18.86
CA GLY B 36 7.18 11.33 -18.68
C GLY B 36 7.65 12.52 -17.88
N ASN B 37 8.35 13.43 -18.49
CA ASN B 37 8.85 14.67 -17.77
C ASN B 37 10.09 14.36 -16.93
N ALA B 38 10.51 15.28 -16.10
CA ALA B 38 11.71 15.04 -15.25
C ALA B 38 11.17 14.51 -13.95
N GLU B 39 10.82 15.36 -13.02
CA GLU B 39 10.30 14.73 -11.80
C GLU B 39 8.82 14.88 -11.63
N SER B 40 8.33 13.91 -12.33
CA SER B 40 6.93 13.52 -12.49
C SER B 40 7.22 12.15 -11.81
N ARG B 41 8.36 11.97 -11.19
CA ARG B 41 8.70 10.72 -10.55
C ARG B 41 8.54 10.86 -9.05
N TYR B 42 8.01 9.78 -8.57
CA TYR B 42 7.71 9.56 -7.17
C TYR B 42 8.23 8.14 -6.78
N VAL B 43 8.62 8.03 -5.56
CA VAL B 43 9.14 6.77 -5.00
C VAL B 43 7.97 5.88 -4.61
N LEU B 44 8.17 4.61 -4.80
CA LEU B 44 7.10 3.66 -4.44
C LEU B 44 7.82 2.55 -3.66
N THR B 45 7.07 1.93 -2.77
CA THR B 45 7.61 0.82 -1.94
C THR B 45 6.38 -0.13 -1.75
N GLY B 46 6.66 -1.40 -1.70
CA GLY B 46 5.56 -2.38 -1.52
C GLY B 46 6.08 -3.72 -1.09
N ARG B 47 5.22 -4.68 -1.20
CA ARG B 47 5.54 -6.06 -0.84
C ARG B 47 4.76 -7.03 -1.73
N TYR B 48 5.30 -8.21 -1.89
N TYR B 48 5.30 -8.21 -1.88
CA TYR B 48 4.61 -9.20 -2.75
CA TYR B 48 4.62 -9.24 -2.74
C TYR B 48 4.74 -10.51 -2.01
C TYR B 48 4.86 -10.62 -2.12
N ASP B 49 3.97 -11.47 -2.43
N ASP B 49 4.15 -11.61 -2.61
CA ASP B 49 4.02 -12.81 -1.79
CA ASP B 49 4.30 -13.01 -2.07
C ASP B 49 4.84 -13.76 -2.63
C ASP B 49 5.51 -13.60 -2.85
N SER B 50 5.86 -14.36 -2.06
N SER B 50 6.60 -13.81 -2.16
CA SER B 50 6.71 -15.30 -2.85
CA SER B 50 7.86 -14.38 -2.77
C SER B 50 5.98 -16.60 -2.48
C SER B 50 7.83 -15.94 -2.85
N ALA B 51 5.55 -17.35 -3.45
N ALA B 51 6.76 -16.51 -2.39
CA ALA B 51 4.83 -18.63 -3.17
CA ALA B 51 6.58 -17.98 -2.41
C ALA B 51 5.11 -19.73 -4.17
C ALA B 51 5.11 -18.17 -2.74
N PRO B 52 4.89 -20.97 -3.78
N PRO B 52 4.69 -17.75 -3.91
CA PRO B 52 4.38 -22.02 -4.71
CA PRO B 52 3.28 -17.98 -4.35
C PRO B 52 2.88 -21.78 -4.97
C PRO B 52 2.91 -19.46 -4.47
N ALA B 53 2.46 -21.96 -6.20
N ALA B 53 1.64 -19.69 -4.51
CA ALA B 53 1.03 -21.76 -6.57
CA ALA B 53 1.14 -21.09 -4.62
C ALA B 53 0.67 -22.76 -7.68
C ALA B 53 1.58 -21.68 -5.95
N THR B 54 0.99 -24.00 -7.45
N THR B 54 1.76 -22.96 -5.91
CA THR B 54 0.70 -25.09 -8.44
CA THR B 54 2.20 -23.77 -7.07
C THR B 54 -0.55 -24.86 -9.29
C THR B 54 0.97 -24.35 -7.75
N ASP B 55 -1.60 -24.50 -8.61
N ASP B 55 0.04 -23.49 -8.00
CA ASP B 55 -2.90 -24.25 -9.30
CA ASP B 55 -1.21 -23.89 -8.67
C ASP B 55 -2.93 -23.02 -10.22
C ASP B 55 -1.34 -22.79 -9.73
N GLY B 56 -1.79 -22.62 -10.70
N GLY B 56 -2.31 -22.80 -10.60
CA GLY B 56 -1.69 -21.44 -11.61
CA GLY B 56 -2.32 -21.67 -11.61
C GLY B 56 -2.30 -20.17 -11.08
C GLY B 56 -2.83 -20.37 -11.02
N SER B 57 -2.08 -19.87 -9.83
N SER B 57 -2.23 -19.86 -9.99
CA SER B 57 -2.66 -18.61 -9.28
CA SER B 57 -2.73 -18.58 -9.40
C SER B 57 -1.70 -17.44 -9.55
C SER B 57 -1.74 -17.43 -9.64
N GLY B 58 -2.22 -16.25 -9.46
CA GLY B 58 -1.36 -15.06 -9.68
C GLY B 58 -0.62 -14.83 -8.34
N THR B 59 0.29 -13.91 -8.33
CA THR B 59 1.12 -13.53 -7.17
C THR B 59 0.57 -12.22 -6.56
N ALA B 60 0.16 -12.27 -5.32
CA ALA B 60 -0.40 -11.08 -4.61
C ALA B 60 0.71 -10.07 -4.30
N LEU B 61 0.37 -8.82 -4.46
CA LEU B 61 1.33 -7.75 -4.19
C LEU B 61 0.61 -6.47 -3.95
N GLY B 62 1.35 -5.48 -3.54
CA GLY B 62 0.70 -4.18 -3.32
C GLY B 62 1.80 -3.17 -3.15
N TRP B 63 1.50 -1.91 -3.31
CA TRP B 63 2.54 -0.88 -3.13
C TRP B 63 1.79 0.43 -2.89
N THR B 64 2.60 1.39 -2.46
CA THR B 64 2.16 2.75 -2.13
C THR B 64 3.01 3.83 -2.74
N VAL B 65 2.41 4.94 -3.04
CA VAL B 65 3.12 6.12 -3.59
C VAL B 65 2.48 7.32 -2.82
N ALA B 66 3.26 8.17 -2.21
CA ALA B 66 2.75 9.38 -1.48
C ALA B 66 3.14 10.37 -2.59
N TRP B 67 2.20 11.20 -2.95
CA TRP B 67 2.44 12.19 -4.04
C TRP B 67 3.17 13.51 -3.73
N LYS B 68 4.35 13.31 -3.23
CA LYS B 68 5.22 14.41 -2.86
C LYS B 68 6.63 14.07 -3.37
N ASN B 69 7.29 15.00 -3.97
CA ASN B 69 8.66 14.80 -4.46
C ASN B 69 9.30 16.21 -4.32
N ASN B 70 10.51 16.43 -4.74
CA ASN B 70 11.11 17.81 -4.56
C ASN B 70 10.52 18.91 -5.39
N TYR B 71 9.48 18.61 -6.09
CA TYR B 71 8.88 19.65 -6.94
C TYR B 71 7.41 19.84 -6.66
N ARG B 72 6.73 18.79 -6.30
CA ARG B 72 5.26 18.88 -6.03
C ARG B 72 4.85 18.08 -4.78
N ASN B 73 3.73 18.47 -4.22
CA ASN B 73 3.18 17.79 -3.02
C ASN B 73 1.68 17.89 -3.30
N ALA B 74 1.02 16.79 -3.58
CA ALA B 74 -0.45 16.79 -3.87
C ALA B 74 -1.21 16.34 -2.63
N HIS B 75 -0.54 16.31 -1.50
CA HIS B 75 -1.12 15.89 -0.16
C HIS B 75 -2.10 14.72 -0.26
N SER B 76 -1.58 13.67 -0.83
CA SER B 76 -2.37 12.45 -1.02
C SER B 76 -1.43 11.26 -1.18
N ALA B 77 -2.01 10.10 -1.11
CA ALA B 77 -1.22 8.86 -1.25
C ALA B 77 -2.13 7.82 -1.89
N THR B 78 -1.56 6.98 -2.72
CA THR B 78 -2.33 5.92 -3.39
C THR B 78 -1.73 4.56 -3.06
N THR B 79 -2.59 3.60 -2.88
CA THR B 79 -2.12 2.23 -2.62
C THR B 79 -2.79 1.35 -3.74
N TRP B 80 -2.03 0.45 -4.30
CA TRP B 80 -2.55 -0.45 -5.37
C TRP B 80 -2.42 -1.81 -4.75
N SER B 81 -3.45 -2.58 -4.86
CA SER B 81 -3.49 -3.95 -4.30
C SER B 81 -3.86 -4.87 -5.51
N GLY B 82 -3.21 -5.99 -5.71
CA GLY B 82 -3.65 -6.80 -6.88
C GLY B 82 -2.78 -8.03 -7.05
N GLN B 83 -2.70 -8.51 -8.26
CA GLN B 83 -1.84 -9.71 -8.48
C GLN B 83 -1.23 -9.64 -9.85
N TYR B 84 -0.12 -10.30 -9.87
CA TYR B 84 0.73 -10.43 -11.06
C TYR B 84 0.44 -11.82 -11.67
N VAL B 85 0.39 -11.85 -12.96
CA VAL B 85 0.14 -13.08 -13.75
C VAL B 85 1.25 -12.97 -14.77
N GLY B 86 2.05 -13.96 -14.86
CA GLY B 86 3.17 -13.88 -15.86
C GLY B 86 2.79 -14.64 -17.12
N GLY B 87 3.75 -14.87 -17.97
CA GLY B 87 3.46 -15.61 -19.22
C GLY B 87 3.79 -14.69 -20.37
N ALA B 88 3.34 -15.14 -21.51
CA ALA B 88 3.54 -14.40 -22.78
C ALA B 88 3.06 -12.95 -22.58
N GLU B 89 1.88 -12.82 -22.02
CA GLU B 89 1.33 -11.45 -21.78
C GLU B 89 1.23 -11.28 -20.25
N ALA B 90 2.29 -10.78 -19.68
CA ALA B 90 2.35 -10.58 -18.22
C ALA B 90 1.53 -9.33 -17.91
N ARG B 91 0.83 -9.35 -16.82
CA ARG B 91 0.01 -8.16 -16.44
C ARG B 91 -0.04 -8.12 -14.91
N ILE B 92 -0.35 -6.95 -14.45
CA ILE B 92 -0.49 -6.74 -13.00
C ILE B 92 -1.89 -6.11 -13.01
N ASN B 93 -2.83 -6.79 -12.43
CA ASN B 93 -4.21 -6.30 -12.36
C ASN B 93 -4.39 -5.75 -10.94
N THR B 94 -4.77 -4.50 -10.85
CA THR B 94 -4.97 -3.83 -9.51
C THR B 94 -6.27 -3.03 -9.34
N GLN B 95 -6.54 -2.73 -8.10
CA GLN B 95 -7.68 -1.90 -7.64
C GLN B 95 -6.82 -0.95 -6.76
N TRP B 96 -7.18 0.28 -6.69
CA TRP B 96 -6.39 1.24 -5.85
C TRP B 96 -7.30 2.17 -5.05
N LEU B 97 -6.67 2.74 -4.05
CA LEU B 97 -7.32 3.71 -3.13
C LEU B 97 -6.40 4.95 -3.06
N LEU B 98 -6.97 6.10 -3.32
CA LEU B 98 -6.23 7.38 -3.30
C LEU B 98 -6.91 8.19 -2.20
N THR B 99 -6.17 8.42 -1.16
CA THR B 99 -6.71 9.21 -0.02
C THR B 99 -5.97 10.57 -0.03
N SER B 100 -6.73 11.60 0.16
CA SER B 100 -6.13 12.99 0.20
C SER B 100 -6.16 13.41 1.71
N GLY B 101 -5.27 14.29 2.11
CA GLY B 101 -5.29 14.68 3.56
C GLY B 101 -6.38 15.77 3.60
N THR B 102 -7.43 15.59 4.37
CA THR B 102 -8.54 16.59 4.47
C THR B 102 -8.73 17.01 5.94
N THR B 103 -9.70 17.86 6.11
CA THR B 103 -10.08 18.36 7.44
C THR B 103 -11.22 17.34 7.74
N GLU B 104 -11.57 17.22 9.00
CA GLU B 104 -12.65 16.29 9.46
C GLU B 104 -13.91 16.41 8.63
N ALA B 105 -14.24 17.64 8.38
CA ALA B 105 -15.45 17.98 7.57
C ALA B 105 -15.52 17.32 6.20
N ASN B 106 -14.37 17.16 5.61
CA ASN B 106 -14.28 16.55 4.25
C ASN B 106 -13.79 15.13 4.30
N ALA B 107 -13.56 14.64 5.46
CA ALA B 107 -13.06 13.25 5.56
C ALA B 107 -14.00 12.25 4.86
N TRP B 108 -15.27 12.52 4.84
CA TRP B 108 -16.18 11.54 4.15
C TRP B 108 -15.88 11.36 2.68
N LYS B 109 -15.28 12.33 2.03
CA LYS B 109 -14.98 12.14 0.60
C LYS B 109 -13.52 12.35 0.31
N SER B 110 -12.75 11.73 1.14
CA SER B 110 -11.28 11.80 1.08
C SER B 110 -10.66 10.69 0.23
N THR B 111 -11.40 9.66 -0.01
CA THR B 111 -10.92 8.49 -0.78
C THR B 111 -11.63 8.10 -2.07
N LEU B 112 -10.83 8.00 -3.12
CA LEU B 112 -11.30 7.61 -4.49
C LEU B 112 -10.81 6.13 -4.66
N VAL B 113 -11.54 5.37 -5.43
CA VAL B 113 -11.16 3.96 -5.68
C VAL B 113 -11.23 3.79 -7.21
N GLY B 114 -10.35 3.01 -7.75
CA GLY B 114 -10.32 2.74 -9.21
C GLY B 114 -9.59 1.43 -9.42
N HIS B 115 -9.31 1.14 -10.66
CA HIS B 115 -8.59 -0.10 -11.02
C HIS B 115 -7.66 0.23 -12.20
N ASP B 116 -6.55 -0.43 -12.25
CA ASP B 116 -5.53 -0.22 -13.34
C ASP B 116 -4.97 -1.59 -13.73
N THR B 117 -4.55 -1.70 -14.96
CA THR B 117 -3.96 -2.98 -15.44
C THR B 117 -2.67 -2.46 -16.05
N PHE B 118 -1.61 -3.09 -15.64
CA PHE B 118 -0.28 -2.71 -16.15
C PHE B 118 0.24 -3.84 -17.03
N THR B 119 0.96 -3.49 -18.06
CA THR B 119 1.58 -4.51 -19.00
C THR B 119 2.96 -3.95 -19.24
N LYS B 120 3.81 -4.74 -19.85
CA LYS B 120 5.19 -4.30 -20.16
C LYS B 120 5.27 -3.67 -21.56
N VAL B 121 4.13 -3.40 -22.13
CA VAL B 121 4.00 -2.80 -23.49
C VAL B 121 3.41 -1.41 -23.20
N HIS C 1 -7.44 -15.79 9.09
CA HIS C 1 -6.58 -14.89 8.28
C HIS C 1 -6.00 -13.97 9.34
N PRO C 2 -4.68 -13.81 9.36
CA PRO C 2 -3.95 -12.85 10.26
C PRO C 2 -4.46 -11.38 10.27
N GLN C 3 -5.44 -11.07 9.47
CA GLN C 3 -5.94 -9.66 9.50
C GLN C 3 -7.23 -9.63 10.30
N GLY C 4 -7.77 -10.79 10.57
CA GLY C 4 -9.02 -10.85 11.33
C GLY C 4 -8.71 -11.16 12.78
N PRO C 5 -9.78 -11.11 13.57
CA PRO C 5 -9.69 -11.31 15.04
C PRO C 5 -9.14 -12.73 15.37
N PRO C 6 -8.99 -12.99 16.64
CA PRO C 6 -8.67 -14.36 17.11
C PRO C 6 -9.83 -15.26 16.64
N CYS C 7 -9.63 -16.55 16.71
CA CYS C 7 -10.73 -17.45 16.27
C CYS C 7 -11.79 -17.56 17.38
N LYS C 8 -12.63 -18.55 17.23
CA LYS C 8 -13.71 -18.81 18.21
C LYS C 8 -13.05 -19.08 19.57
N NH2 C 9 -13.70 -18.80 20.66
HN1 NH2 C 9 -14.60 -18.42 20.60
HN2 NH2 C 9 -13.27 -18.98 21.51
N HIS D 1 -3.85 16.14 -10.68
CA HIS D 1 -3.16 15.12 -9.87
C HIS D 1 -2.17 14.31 -10.77
N PRO D 2 -0.95 14.08 -10.27
CA PRO D 2 0.08 13.21 -10.95
C PRO D 2 -0.36 11.74 -11.19
N GLN D 3 -1.47 11.31 -10.66
CA GLN D 3 -1.88 9.91 -10.89
C GLN D 3 -2.70 9.82 -12.15
N GLY D 4 -3.27 10.93 -12.54
CA GLY D 4 -4.10 10.88 -13.75
C GLY D 4 -3.33 11.07 -15.03
N PRO D 5 -4.07 11.12 -16.11
CA PRO D 5 -3.52 11.23 -17.49
C PRO D 5 -3.01 12.68 -17.73
N PRO D 6 -2.46 12.99 -18.89
CA PRO D 6 -1.84 14.31 -19.11
C PRO D 6 -2.93 15.35 -19.26
N CYS D 7 -2.52 16.58 -19.10
CA CYS D 7 -3.48 17.71 -19.22
C CYS D 7 -3.09 18.35 -20.53
N LYS D 8 -3.24 17.54 -21.52
CA LYS D 8 -2.92 17.99 -22.87
C LYS D 8 -4.34 18.04 -23.40
N NH2 D 9 -4.65 18.91 -24.30
HN1 NH2 D 9 -3.97 19.53 -24.64
HN2 NH2 D 9 -5.56 18.93 -24.63
C2 LEA E . -6.88 -16.88 9.60
C3 LEA E . -7.78 -17.84 10.45
C4 LEA E . -8.07 -17.22 11.86
C5 LEA E . -9.51 -17.63 12.39
C6 LEA E . -9.45 -18.89 13.27
O1 LEA E . -5.70 -17.12 9.42
H31 LEA E . -8.70 -18.02 9.90
H32 LEA E . -7.26 -18.78 10.56
H41 LEA E . -7.33 -17.61 12.54
H42 LEA E . -7.96 -16.15 11.86
H51 LEA E . -9.93 -16.82 12.96
H52 LEA E . -10.16 -17.83 11.56
H61 LEA E . -8.94 -19.68 12.73
H63 LEA E . -10.47 -19.23 13.43
C2 LEA F . -3.17 16.97 -11.43
C3 LEA F . -4.10 17.94 -12.15
C4 LEA F . -3.61 18.41 -13.49
C5 LEA F . -4.88 18.51 -14.36
C6 LEA F . -4.49 18.95 -15.75
O1 LEA F . -1.95 16.97 -11.55
H31 LEA F . -5.08 17.49 -12.21
H32 LEA F . -4.18 18.82 -11.52
H41 LEA F . -3.14 19.37 -13.39
H42 LEA F . -2.90 17.71 -13.90
H51 LEA F . -5.37 17.54 -14.42
H52 LEA F . -5.58 19.22 -13.93
H61 LEA F . -4.28 20.01 -15.73
H63 LEA F . -5.35 18.79 -16.39
#